data_4FC8
#
_entry.id   4FC8
#
_cell.length_a   45.168
_cell.length_b   88.734
_cell.length_c   94.803
_cell.angle_alpha   90.00
_cell.angle_beta   90.00
_cell.angle_gamma   90.00
#
_symmetry.space_group_name_H-M   'P 21 21 21'
#
loop_
_entity.id
_entity.type
_entity.pdbx_description
1 polymer 'transcription protein Rtr1'
2 non-polymer 'ZINC ION'
3 water water
#
_entity_poly.entity_id   1
_entity_poly.type   'polypeptide(L)'
_entity_poly.pdbx_seq_one_letter_code
;MATIEEIKEVVLKPYTNHRQLTIREVETISINLIDLLITKDVKDARTMKYISRFLTKQDYADLVQERNLVKRCGYPLCSK
SQARVRDPFADVQMTNFLRQNNPYAYLTEYCTKAHFRCSQFYQFQLSDEALFARVGVHLDDYEPPSEIQLLEEVLARESD
VKQMIRGMTDLKLADDDSREEMERDISDMLADIKIVEINEPNIIGDLGRDRLEHHHHHH
;
_entity_poly.pdbx_strand_id   A,B
#
loop_
_chem_comp.id
_chem_comp.type
_chem_comp.name
_chem_comp.formula
ZN non-polymer 'ZINC ION' 'Zn 2'
#
# COMPACT_ATOMS: atom_id res chain seq x y z
N MET A 1 -23.93 5.74 -7.19
CA MET A 1 -25.10 6.25 -6.40
C MET A 1 -24.69 6.69 -4.93
N ALA A 2 -23.63 6.09 -4.36
CA ALA A 2 -23.08 6.54 -3.04
C ALA A 2 -22.05 7.68 -3.12
N THR A 3 -22.23 8.70 -2.26
CA THR A 3 -21.41 9.92 -2.26
C THR A 3 -20.99 10.33 -0.86
N ILE A 4 -20.02 11.22 -0.79
CA ILE A 4 -19.60 11.74 0.48
C ILE A 4 -20.81 12.32 1.20
N GLU A 5 -21.55 13.19 0.51
CA GLU A 5 -22.77 13.80 1.04
C GLU A 5 -23.78 12.78 1.58
N GLU A 6 -24.08 11.73 0.81
CA GLU A 6 -24.96 10.66 1.33
C GLU A 6 -24.43 9.94 2.57
N ILE A 7 -23.13 9.68 2.58
CA ILE A 7 -22.50 9.15 3.77
C ILE A 7 -22.58 10.11 4.97
N LYS A 8 -22.41 11.41 4.76
CA LYS A 8 -22.53 12.33 5.87
C LYS A 8 -23.98 12.41 6.48
N GLU A 9 -25.00 12.42 5.62
CA GLU A 9 -26.42 12.47 6.03
C GLU A 9 -26.97 11.16 6.62
N VAL A 10 -26.61 10.05 6.01
CA VAL A 10 -27.23 8.80 6.40
C VAL A 10 -26.48 8.02 7.49
N VAL A 11 -25.14 8.18 7.53
CA VAL A 11 -24.24 7.47 8.43
C VAL A 11 -23.74 8.39 9.55
N LEU A 12 -23.22 9.54 9.18
CA LEU A 12 -22.49 10.33 10.16
C LEU A 12 -23.36 11.29 10.97
N LYS A 13 -24.52 11.62 10.42
CA LYS A 13 -25.38 12.72 10.94
C LYS A 13 -25.54 12.77 12.47
N PRO A 14 -25.85 11.63 13.12
CA PRO A 14 -26.07 11.73 14.58
C PRO A 14 -24.80 12.09 15.40
N TYR A 15 -23.63 11.94 14.75
CA TYR A 15 -22.33 11.97 15.43
C TYR A 15 -21.56 13.29 15.23
N THR A 16 -22.10 14.14 14.36
CA THR A 16 -21.39 15.30 13.83
C THR A 16 -20.88 16.36 14.85
N ASN A 17 -21.53 16.41 16.02
CA ASN A 17 -21.22 17.37 17.10
C ASN A 17 -20.66 16.70 18.40
N HIS A 18 -20.43 15.38 18.34
CA HIS A 18 -19.85 14.61 19.45
C HIS A 18 -18.35 14.96 19.56
N ARG A 19 -17.90 15.31 20.77
CA ARG A 19 -16.48 15.40 20.99
C ARG A 19 -15.85 14.02 20.92
N GLN A 20 -16.50 13.04 21.52
CA GLN A 20 -16.00 11.67 21.55
C GLN A 20 -17.11 10.69 21.28
N LEU A 21 -16.76 9.56 20.67
CA LEU A 21 -17.70 8.43 20.53
C LEU A 21 -17.39 7.31 21.52
N THR A 22 -18.42 6.59 21.96
CA THR A 22 -18.23 5.28 22.57
C THR A 22 -17.88 4.22 21.49
N ILE A 23 -17.28 3.11 21.93
CA ILE A 23 -16.97 1.96 21.09
C ILE A 23 -18.21 1.57 20.34
N ARG A 24 -19.31 1.67 21.06
CA ARG A 24 -20.65 1.35 20.62
C ARG A 24 -21.11 2.19 19.40
N GLU A 25 -20.87 3.48 19.43
CA GLU A 25 -21.23 4.37 18.30
C GLU A 25 -20.32 4.21 17.08
N VAL A 26 -19.02 4.03 17.34
CA VAL A 26 -18.05 3.73 16.29
C VAL A 26 -18.51 2.44 15.57
N GLU A 27 -18.88 1.42 16.35
CA GLU A 27 -19.47 0.21 15.77
C GLU A 27 -20.72 0.46 14.93
N THR A 28 -21.56 1.42 15.31
CA THR A 28 -22.75 1.73 14.49
C THR A 28 -22.42 2.38 13.16
N ILE A 29 -21.39 3.22 13.14
CA ILE A 29 -20.91 3.83 11.90
C ILE A 29 -20.40 2.80 10.87
N SER A 30 -19.53 1.88 11.28
CA SER A 30 -19.11 0.77 10.40
C SER A 30 -20.28 0.01 9.83
N ILE A 31 -21.11 -0.54 10.72
CA ILE A 31 -22.27 -1.34 10.34
C ILE A 31 -23.10 -0.55 9.34
N ASN A 32 -23.36 0.73 9.61
CA ASN A 32 -24.20 1.50 8.72
C ASN A 32 -23.49 1.81 7.41
N LEU A 33 -22.20 2.19 7.47
CA LEU A 33 -21.45 2.43 6.24
C LEU A 33 -21.38 1.18 5.35
N ILE A 34 -20.87 0.08 5.94
CA ILE A 34 -20.72 -1.16 5.24
C ILE A 34 -22.08 -1.52 4.60
N ASP A 35 -23.16 -1.34 5.36
CA ASP A 35 -24.48 -1.62 4.84
C ASP A 35 -24.89 -0.78 3.64
N LEU A 36 -24.53 0.49 3.63
CA LEU A 36 -24.83 1.33 2.49
C LEU A 36 -24.06 0.91 1.25
N LEU A 37 -22.84 0.43 1.44
CA LEU A 37 -21.98 0.07 0.32
C LEU A 37 -22.25 -1.35 -0.18
N ILE A 38 -23.19 -2.03 0.45
CA ILE A 38 -23.69 -3.26 -0.12
C ILE A 38 -24.86 -2.88 -1.05
N THR A 39 -25.79 -2.07 -0.55
CA THR A 39 -26.97 -1.65 -1.32
C THR A 39 -26.60 -0.79 -2.53
N LYS A 40 -25.50 -0.01 -2.41
CA LYS A 40 -25.05 0.93 -3.44
C LYS A 40 -23.57 0.76 -3.84
N ASP A 41 -23.23 1.21 -5.05
CA ASP A 41 -21.86 1.26 -5.48
C ASP A 41 -21.35 2.65 -5.21
N VAL A 42 -20.04 2.78 -5.11
CA VAL A 42 -19.40 4.09 -4.92
C VAL A 42 -19.33 4.84 -6.23
N LYS A 43 -19.79 6.08 -6.22
CA LYS A 43 -19.86 6.87 -7.44
C LYS A 43 -18.50 7.32 -7.96
N ASP A 44 -17.56 7.53 -7.06
CA ASP A 44 -16.59 8.58 -7.21
C ASP A 44 -15.23 8.18 -6.64
N ALA A 45 -14.17 8.49 -7.37
CA ALA A 45 -12.83 8.45 -6.80
C ALA A 45 -12.81 9.26 -5.49
N ARG A 46 -13.40 10.46 -5.53
CA ARG A 46 -13.45 11.34 -4.38
C ARG A 46 -14.04 10.60 -3.18
N THR A 47 -15.06 9.80 -3.45
CA THR A 47 -15.79 9.12 -2.42
C THR A 47 -15.05 7.85 -1.96
N MET A 48 -14.37 7.14 -2.85
CA MET A 48 -13.47 6.06 -2.44
C MET A 48 -12.38 6.57 -1.48
N LYS A 49 -11.72 7.66 -1.84
CA LYS A 49 -10.69 8.23 -0.99
C LYS A 49 -11.29 8.64 0.35
N TYR A 50 -12.49 9.21 0.35
CA TYR A 50 -13.12 9.57 1.62
C TYR A 50 -13.51 8.36 2.52
N ILE A 51 -14.07 7.29 1.94
CA ILE A 51 -14.50 6.18 2.78
C ILE A 51 -13.31 5.46 3.43
N SER A 52 -12.10 5.64 2.89
CA SER A 52 -10.93 4.96 3.44
C SER A 52 -10.74 5.21 4.93
N ARG A 53 -11.05 6.41 5.39
CA ARG A 53 -10.87 6.71 6.81
C ARG A 53 -11.80 5.88 7.74
N PHE A 54 -12.79 5.17 7.17
CA PHE A 54 -13.68 4.37 8.00
C PHE A 54 -13.46 2.89 7.91
N LEU A 55 -12.52 2.42 7.11
CA LEU A 55 -12.39 0.98 6.89
C LEU A 55 -11.02 0.53 7.32
N THR A 56 -10.96 -0.61 8.00
CA THR A 56 -9.68 -1.33 8.25
C THR A 56 -9.48 -2.29 7.06
N LYS A 57 -8.32 -2.93 6.94
CA LYS A 57 -8.14 -3.88 5.85
C LYS A 57 -9.18 -4.99 5.94
N GLN A 58 -9.37 -5.55 7.14
CA GLN A 58 -10.42 -6.57 7.36
C GLN A 58 -11.82 -6.08 6.93
N ASP A 59 -12.23 -4.90 7.40
CA ASP A 59 -13.55 -4.34 7.07
C ASP A 59 -13.72 -4.34 5.56
N TYR A 60 -12.63 -4.04 4.85
CA TYR A 60 -12.73 -3.99 3.43
C TYR A 60 -12.86 -5.42 2.87
N ALA A 61 -12.07 -6.36 3.39
CA ALA A 61 -12.23 -7.77 3.01
C ALA A 61 -13.67 -8.27 3.17
N ASP A 62 -14.34 -7.92 4.26
CA ASP A 62 -15.72 -8.33 4.50
C ASP A 62 -16.67 -7.63 3.56
N LEU A 63 -16.38 -6.36 3.27
CA LEU A 63 -17.16 -5.59 2.31
C LEU A 63 -17.24 -6.32 0.96
N VAL A 64 -16.08 -6.71 0.44
CA VAL A 64 -16.00 -7.50 -0.79
C VAL A 64 -16.85 -8.78 -0.72
N GLN A 65 -16.68 -9.58 0.33
CA GLN A 65 -17.44 -10.83 0.42
C GLN A 65 -18.94 -10.59 0.52
N GLU A 66 -19.37 -9.60 1.30
CA GLU A 66 -20.79 -9.24 1.36
C GLU A 66 -21.34 -8.75 0.01
N ARG A 67 -20.47 -8.16 -0.82
CA ARG A 67 -20.83 -7.71 -2.18
C ARG A 67 -20.97 -8.87 -3.18
N ASN A 68 -20.05 -9.85 -3.11
CA ASN A 68 -20.21 -11.14 -3.81
C ASN A 68 -21.52 -11.88 -3.47
N LEU A 69 -21.84 -12.00 -2.18
CA LEU A 69 -23.10 -12.57 -1.69
C LEU A 69 -24.29 -11.90 -2.35
N VAL A 70 -24.06 -10.70 -2.86
CA VAL A 70 -25.14 -9.91 -3.45
C VAL A 70 -24.91 -9.71 -4.95
N LYS A 71 -24.04 -10.53 -5.53
CA LYS A 71 -23.84 -10.54 -6.98
C LYS A 71 -23.32 -9.18 -7.50
N ARG A 72 -22.46 -8.54 -6.71
CA ARG A 72 -21.67 -7.44 -7.24
C ARG A 72 -20.15 -7.63 -7.06
N CYS A 73 -19.43 -7.14 -8.06
CA CYS A 73 -17.98 -7.08 -8.04
C CYS A 73 -17.59 -6.50 -6.69
N GLY A 74 -16.50 -7.03 -6.15
CA GLY A 74 -16.03 -6.65 -4.83
C GLY A 74 -15.53 -5.22 -4.76
N TYR A 75 -14.95 -4.71 -5.84
CA TYR A 75 -14.50 -3.32 -5.90
C TYR A 75 -15.68 -2.35 -5.83
N PRO A 76 -15.74 -1.49 -4.77
CA PRO A 76 -17.00 -0.83 -4.48
C PRO A 76 -17.49 0.14 -5.54
N LEU A 77 -16.59 0.55 -6.43
CA LEU A 77 -16.88 1.51 -7.48
C LEU A 77 -17.61 0.87 -8.65
N CYS A 78 -17.72 -0.46 -8.66
CA CYS A 78 -18.18 -1.22 -9.84
C CYS A 78 -19.66 -1.55 -9.81
N SER A 79 -20.36 -1.07 -10.83
CA SER A 79 -21.79 -1.32 -10.96
C SER A 79 -22.05 -2.72 -11.52
N LYS A 80 -21.00 -3.35 -12.09
CA LYS A 80 -21.13 -4.73 -12.61
C LYS A 80 -20.99 -5.76 -11.51
N SER A 81 -21.31 -6.99 -11.87
CA SER A 81 -21.21 -8.13 -10.99
C SER A 81 -19.84 -8.76 -11.20
N GLN A 82 -19.55 -9.73 -10.35
CA GLN A 82 -18.39 -10.62 -10.45
C GLN A 82 -18.38 -11.39 -11.78
N ALA A 83 -17.29 -12.10 -12.07
CA ALA A 83 -17.18 -12.90 -13.30
C ALA A 83 -17.91 -14.25 -13.21
N ARG A 84 -17.66 -14.98 -12.12
CA ARG A 84 -18.27 -16.28 -11.84
C ARG A 84 -18.40 -16.50 -10.31
N VAL A 85 -19.67 -16.58 -9.81
CA VAL A 85 -19.97 -16.84 -8.38
C VAL A 85 -19.63 -18.38 -8.09
N ALA A 105 -8.61 -17.67 -10.14
CA ALA A 105 -8.84 -17.90 -8.71
C ALA A 105 -9.69 -16.78 -8.07
N TYR A 106 -9.26 -15.53 -8.27
CA TYR A 106 -9.90 -14.29 -7.78
C TYR A 106 -11.21 -13.90 -8.50
N LEU A 107 -11.58 -14.66 -9.53
CA LEU A 107 -12.72 -14.32 -10.38
C LEU A 107 -14.07 -14.61 -9.71
N THR A 108 -14.05 -15.14 -8.50
CA THR A 108 -15.32 -15.27 -7.77
C THR A 108 -15.61 -14.00 -6.97
N GLU A 109 -14.63 -13.10 -6.96
CA GLU A 109 -14.70 -11.86 -6.18
C GLU A 109 -14.86 -10.62 -7.05
N TYR A 110 -14.34 -10.68 -8.28
CA TYR A 110 -14.26 -9.50 -9.15
C TYR A 110 -14.72 -9.77 -10.57
N CYS A 111 -15.04 -8.71 -11.30
CA CYS A 111 -15.54 -8.83 -12.66
C CYS A 111 -14.42 -9.20 -13.61
N THR A 112 -13.25 -8.61 -13.39
CA THR A 112 -12.13 -8.72 -14.30
C THR A 112 -10.88 -8.89 -13.46
N LYS A 113 -9.75 -9.21 -14.09
CA LYS A 113 -8.49 -9.14 -13.36
C LYS A 113 -8.20 -7.70 -12.90
N ALA A 114 -8.60 -6.73 -13.71
CA ALA A 114 -8.22 -5.33 -13.48
C ALA A 114 -8.84 -4.79 -12.21
N HIS A 115 -10.10 -5.14 -11.96
CA HIS A 115 -10.71 -4.71 -10.71
C HIS A 115 -10.15 -5.46 -9.51
N PHE A 116 -9.64 -6.67 -9.73
CA PHE A 116 -8.92 -7.38 -8.68
C PHE A 116 -7.71 -6.58 -8.18
N ARG A 117 -6.87 -6.14 -9.12
CA ARG A 117 -5.67 -5.36 -8.76
C ARG A 117 -6.07 -4.02 -8.15
N CYS A 118 -7.03 -3.34 -8.77
CA CYS A 118 -7.53 -2.06 -8.27
C CYS A 118 -7.97 -2.22 -6.83
N SER A 119 -8.63 -3.33 -6.55
CA SER A 119 -9.11 -3.57 -5.22
C SER A 119 -7.97 -3.77 -4.25
N GLN A 120 -7.04 -4.64 -4.62
CA GLN A 120 -5.84 -4.88 -3.85
C GLN A 120 -5.06 -3.61 -3.61
N PHE A 121 -4.93 -2.81 -4.66
CA PHE A 121 -4.15 -1.55 -4.61
C PHE A 121 -4.77 -0.67 -3.52
N TYR A 122 -6.10 -0.65 -3.49
CA TYR A 122 -6.82 0.15 -2.51
C TYR A 122 -6.57 -0.41 -1.14
N GLN A 123 -6.88 -1.69 -0.98
CA GLN A 123 -6.85 -2.29 0.34
C GLN A 123 -5.50 -2.14 0.99
N PHE A 124 -4.43 -2.21 0.18
CA PHE A 124 -3.10 -2.26 0.75
C PHE A 124 -2.76 -0.92 1.37
N GLN A 125 -3.57 0.10 1.09
CA GLN A 125 -3.37 1.39 1.76
C GLN A 125 -4.15 1.52 3.06
N LEU A 126 -5.15 0.68 3.28
CA LEU A 126 -6.02 0.88 4.44
C LEU A 126 -5.24 0.57 5.73
N SER A 127 -5.39 1.42 6.74
CA SER A 127 -4.78 1.18 8.05
C SER A 127 -5.36 -0.04 8.74
N ASP A 128 -4.63 -0.60 9.69
CA ASP A 128 -5.20 -1.68 10.52
C ASP A 128 -5.57 -1.15 11.88
N GLU A 129 -5.25 0.13 12.11
CA GLU A 129 -5.57 0.80 13.35
C GLU A 129 -7.10 0.73 13.50
N ALA A 130 -7.53 0.22 14.65
CA ALA A 130 -8.93 0.11 14.94
C ALA A 130 -9.61 1.46 14.72
N LEU A 131 -10.80 1.40 14.19
CA LEU A 131 -11.58 2.57 13.94
C LEU A 131 -11.70 3.47 15.17
N PHE A 132 -12.00 2.87 16.32
CA PHE A 132 -12.21 3.58 17.57
C PHE A 132 -11.03 4.48 18.00
N ALA A 133 -9.87 4.17 17.48
CA ALA A 133 -8.60 4.75 17.87
C ALA A 133 -8.19 5.86 16.90
N ARG A 134 -9.02 6.09 15.88
CA ARG A 134 -8.77 7.14 14.89
C ARG A 134 -9.46 8.42 15.37
N VAL A 135 -8.77 9.14 16.25
CA VAL A 135 -9.28 10.35 16.90
C VAL A 135 -9.94 11.33 15.94
N GLY A 136 -11.24 11.57 16.15
CA GLY A 136 -11.95 12.55 15.36
C GLY A 136 -12.29 12.10 13.95
N VAL A 137 -12.24 10.78 13.71
CA VAL A 137 -12.57 10.28 12.38
C VAL A 137 -14.02 10.61 11.94
N HIS A 138 -14.90 10.85 12.90
CA HIS A 138 -16.29 11.12 12.58
C HIS A 138 -16.53 12.60 12.24
N LEU A 139 -15.49 13.43 12.35
CA LEU A 139 -15.64 14.89 12.21
C LEU A 139 -15.44 15.38 10.79
N ASP A 140 -16.25 16.36 10.42
CA ASP A 140 -16.25 16.97 9.08
C ASP A 140 -14.86 17.50 8.68
N ASP A 141 -13.96 17.43 9.65
CA ASP A 141 -12.88 18.34 9.83
C ASP A 141 -11.59 17.52 9.94
N TYR A 142 -11.75 16.21 10.11
CA TYR A 142 -10.66 15.24 10.21
C TYR A 142 -9.62 15.29 9.06
N GLU A 143 -8.36 14.99 9.37
CA GLU A 143 -7.30 15.01 8.37
C GLU A 143 -6.67 13.63 8.29
N PRO A 144 -6.84 12.91 7.16
CA PRO A 144 -6.16 11.61 7.04
C PRO A 144 -4.63 11.74 7.00
N PRO A 145 -3.92 10.75 7.59
CA PRO A 145 -2.44 10.61 7.60
C PRO A 145 -1.77 10.71 6.20
N SER A 146 -2.42 10.19 5.17
CA SER A 146 -1.95 10.30 3.79
C SER A 146 -3.12 10.33 2.81
N GLU A 147 -2.87 10.79 1.58
CA GLU A 147 -3.88 10.68 0.56
C GLU A 147 -3.84 9.31 -0.13
N ILE A 148 -5.00 8.67 -0.05
CA ILE A 148 -5.26 7.38 -0.62
C ILE A 148 -5.27 7.47 -2.14
N GLN A 149 -4.58 6.53 -2.79
CA GLN A 149 -4.39 6.52 -4.24
C GLN A 149 -5.26 5.45 -4.89
N LEU A 150 -5.83 5.76 -6.06
CA LEU A 150 -6.68 4.83 -6.75
C LEU A 150 -6.00 4.42 -8.06
N LEU A 151 -6.01 3.13 -8.36
CA LEU A 151 -5.36 2.64 -9.58
C LEU A 151 -5.99 3.14 -10.91
N GLU A 152 -5.12 3.69 -11.76
CA GLU A 152 -5.37 4.12 -13.17
C GLU A 152 -4.82 5.57 -13.38
N MET B 1 20.84 -6.59 -13.38
CA MET B 1 22.21 -6.91 -12.80
C MET B 1 22.28 -7.25 -11.29
N ALA B 2 21.58 -6.54 -10.40
CA ALA B 2 21.61 -6.90 -8.95
C ALA B 2 20.72 -8.09 -8.70
N THR B 3 21.16 -9.01 -7.83
CA THR B 3 20.53 -10.32 -7.62
C THR B 3 20.58 -10.73 -6.15
N ILE B 4 19.74 -11.68 -5.73
CA ILE B 4 19.83 -12.17 -4.35
C ILE B 4 21.28 -12.59 -4.06
N GLU B 5 21.91 -13.30 -4.98
CA GLU B 5 23.22 -13.89 -4.66
C GLU B 5 24.25 -12.79 -4.47
N GLU B 6 24.13 -11.67 -5.18
CA GLU B 6 25.09 -10.59 -4.97
C GLU B 6 24.87 -9.88 -3.64
N ILE B 7 23.61 -9.74 -3.23
CA ILE B 7 23.33 -9.09 -1.94
C ILE B 7 23.89 -9.96 -0.82
N LYS B 8 23.71 -11.27 -0.92
CA LYS B 8 24.27 -12.16 0.11
C LYS B 8 25.80 -12.05 0.21
N GLU B 9 26.45 -11.90 -0.95
CA GLU B 9 27.91 -11.82 -1.00
C GLU B 9 28.50 -10.42 -0.72
N VAL B 10 27.87 -9.38 -1.25
CA VAL B 10 28.44 -8.03 -1.11
C VAL B 10 27.84 -7.22 0.06
N VAL B 11 26.73 -7.69 0.60
CA VAL B 11 26.08 -6.96 1.69
C VAL B 11 26.07 -7.81 2.97
N LEU B 12 25.65 -9.07 2.88
CA LEU B 12 25.40 -9.83 4.11
C LEU B 12 26.53 -10.73 4.64
N LYS B 13 27.52 -11.07 3.82
CA LYS B 13 28.59 -12.02 4.21
C LYS B 13 29.27 -11.79 5.59
N PRO B 14 29.58 -10.51 5.95
CA PRO B 14 30.24 -10.27 7.25
C PRO B 14 29.41 -10.64 8.47
N TYR B 15 28.10 -10.71 8.29
CA TYR B 15 27.15 -10.96 9.39
C TYR B 15 26.66 -12.40 9.44
N THR B 16 27.32 -13.25 8.67
CA THR B 16 26.97 -14.65 8.58
C THR B 16 26.85 -15.44 9.91
N ASN B 17 27.64 -15.06 10.92
CA ASN B 17 27.66 -15.74 12.23
C ASN B 17 27.23 -14.86 13.40
N HIS B 18 26.64 -13.71 13.07
CA HIS B 18 25.98 -12.82 14.03
C HIS B 18 24.58 -13.34 14.30
N ARG B 19 24.19 -13.40 15.56
CA ARG B 19 22.78 -13.65 15.84
C ARG B 19 21.95 -12.38 15.80
N GLN B 20 22.52 -11.27 16.29
CA GLN B 20 21.87 -9.95 16.34
C GLN B 20 22.82 -8.93 15.72
N LEU B 21 22.27 -7.83 15.19
CA LEU B 21 23.08 -6.73 14.64
C LEU B 21 22.99 -5.46 15.50
N THR B 22 24.09 -4.72 15.63
CA THR B 22 24.03 -3.43 16.33
C THR B 22 23.41 -2.42 15.40
N ILE B 23 23.01 -1.27 15.94
CA ILE B 23 22.42 -0.22 15.12
C ILE B 23 23.41 0.15 14.01
N ARG B 24 24.70 0.19 14.34
CA ARG B 24 25.74 0.57 13.36
C ARG B 24 25.86 -0.45 12.20
N GLU B 25 25.85 -1.74 12.54
CA GLU B 25 25.79 -2.84 11.55
C GLU B 25 24.52 -2.77 10.69
N VAL B 26 23.37 -2.44 11.29
CA VAL B 26 22.17 -2.22 10.49
C VAL B 26 22.29 -1.04 9.50
N GLU B 27 22.76 0.12 9.96
CA GLU B 27 22.87 1.30 9.11
C GLU B 27 23.72 0.92 7.92
N THR B 28 24.77 0.15 8.20
CA THR B 28 25.76 -0.30 7.22
C THR B 28 25.15 -1.16 6.12
N ILE B 29 24.35 -2.13 6.53
CA ILE B 29 23.52 -2.91 5.58
C ILE B 29 22.66 -1.98 4.71
N SER B 30 21.89 -1.10 5.37
CA SER B 30 21.06 -0.14 4.62
C SER B 30 21.89 0.64 3.60
N ILE B 31 22.97 1.26 4.06
CA ILE B 31 23.82 2.05 3.18
C ILE B 31 24.39 1.25 2.03
N ASN B 32 24.84 0.02 2.30
CA ASN B 32 25.43 -0.78 1.22
C ASN B 32 24.44 -1.25 0.20
N LEU B 33 23.22 -1.54 0.67
CA LEU B 33 22.17 -2.02 -0.17
C LEU B 33 21.70 -0.87 -1.04
N ILE B 34 21.56 0.31 -0.44
CA ILE B 34 21.18 1.47 -1.24
C ILE B 34 22.27 1.84 -2.27
N ASP B 35 23.55 1.88 -1.85
CA ASP B 35 24.65 2.10 -2.80
C ASP B 35 24.49 1.13 -3.95
N LEU B 36 24.29 -0.14 -3.62
CA LEU B 36 24.12 -1.16 -4.66
C LEU B 36 22.93 -0.86 -5.56
N LEU B 37 21.78 -0.50 -4.99
CA LEU B 37 20.59 -0.36 -5.85
C LEU B 37 20.44 0.97 -6.61
N ILE B 38 21.32 1.93 -6.32
CA ILE B 38 21.43 3.14 -7.13
C ILE B 38 22.51 2.93 -8.19
N THR B 39 23.23 1.82 -8.11
CA THR B 39 24.36 1.51 -8.99
C THR B 39 23.95 0.47 -10.04
N LYS B 40 23.10 -0.45 -9.65
CA LYS B 40 22.59 -1.49 -10.54
C LYS B 40 21.06 -1.48 -10.46
N ASP B 41 20.42 -2.13 -11.41
CA ASP B 41 18.99 -2.34 -11.34
C ASP B 41 18.74 -3.75 -10.87
N VAL B 42 17.63 -3.96 -10.16
CA VAL B 42 17.24 -5.29 -9.67
C VAL B 42 16.83 -6.13 -10.85
N LYS B 43 17.34 -7.36 -10.97
CA LYS B 43 17.14 -8.09 -12.23
C LYS B 43 15.81 -8.82 -12.34
N ASP B 44 15.17 -9.02 -11.21
CA ASP B 44 14.32 -10.15 -11.08
C ASP B 44 13.18 -9.79 -10.16
N ALA B 45 11.96 -10.23 -10.51
CA ALA B 45 10.82 -10.22 -9.61
C ALA B 45 11.22 -10.89 -8.30
N ARG B 46 11.89 -12.03 -8.41
CA ARG B 46 12.30 -12.78 -7.25
C ARG B 46 13.22 -11.97 -6.34
N THR B 47 14.02 -11.10 -6.93
CA THR B 47 14.97 -10.35 -6.15
C THR B 47 14.30 -9.15 -5.49
N MET B 48 13.31 -8.55 -6.19
CA MET B 48 12.49 -7.48 -5.63
C MET B 48 11.76 -7.94 -4.41
N LYS B 49 11.22 -9.14 -4.44
CA LYS B 49 10.50 -9.66 -3.27
C LYS B 49 11.50 -9.88 -2.13
N TYR B 50 12.62 -10.52 -2.45
CA TYR B 50 13.71 -10.67 -1.48
C TYR B 50 14.10 -9.37 -0.78
N ILE B 51 14.25 -8.25 -1.49
CA ILE B 51 14.87 -7.09 -0.85
C ILE B 51 13.88 -6.38 0.07
N SER B 52 12.60 -6.75 -0.02
CA SER B 52 11.57 -6.06 0.72
C SER B 52 11.86 -6.15 2.21
N ARG B 53 12.29 -7.31 2.61
CA ARG B 53 12.93 -7.63 3.90
C ARG B 53 13.81 -6.56 4.54
N PHE B 54 14.53 -5.77 3.72
CA PHE B 54 15.55 -4.87 4.21
C PHE B 54 15.16 -3.40 4.14
N LEU B 55 13.90 -3.10 3.76
CA LEU B 55 13.50 -1.72 3.50
C LEU B 55 12.25 -1.36 4.27
N THR B 56 12.26 -0.24 4.99
CA THR B 56 10.99 0.38 5.43
C THR B 56 10.45 1.11 4.24
N LYS B 57 9.20 1.62 4.35
CA LYS B 57 8.62 2.49 3.34
C LYS B 57 9.51 3.71 3.05
N GLN B 58 10.04 4.31 4.11
CA GLN B 58 10.86 5.51 4.02
C GLN B 58 12.20 5.14 3.35
N ASP B 59 12.80 4.01 3.73
CA ASP B 59 13.99 3.58 3.06
C ASP B 59 13.76 3.49 1.56
N TYR B 60 12.60 2.96 1.18
CA TYR B 60 12.33 2.78 -0.24
C TYR B 60 12.15 4.18 -0.87
N ALA B 61 11.51 5.10 -0.16
CA ALA B 61 11.35 6.47 -0.62
C ALA B 61 12.72 7.11 -0.88
N ASP B 62 13.67 6.88 0.03
CA ASP B 62 15.05 7.40 -0.09
C ASP B 62 15.73 6.76 -1.31
N LEU B 63 15.46 5.48 -1.57
CA LEU B 63 16.01 4.79 -2.77
C LEU B 63 15.52 5.50 -4.04
N VAL B 64 14.22 5.75 -4.10
CA VAL B 64 13.61 6.40 -5.24
C VAL B 64 14.30 7.75 -5.51
N GLN B 65 14.37 8.60 -4.49
CA GLN B 65 15.04 9.90 -4.62
C GLN B 65 16.47 9.74 -5.03
N GLU B 66 17.21 8.83 -4.39
CA GLU B 66 18.60 8.57 -4.77
C GLU B 66 18.81 8.01 -6.22
N ARG B 67 17.83 7.29 -6.76
CA ARG B 67 17.97 6.77 -8.13
C ARG B 67 17.63 7.88 -9.12
N ASN B 68 16.65 8.71 -8.74
CA ASN B 68 16.25 9.85 -9.53
C ASN B 68 17.44 10.80 -9.70
N LEU B 69 18.22 10.97 -8.64
CA LEU B 69 19.37 11.89 -8.67
C LEU B 69 20.55 11.33 -9.49
N VAL B 70 20.41 10.11 -10.00
CA VAL B 70 21.39 9.54 -10.92
C VAL B 70 20.64 9.18 -12.21
N LYS B 71 19.54 9.88 -12.48
CA LYS B 71 18.81 9.67 -13.73
C LYS B 71 18.30 8.23 -13.93
N ARG B 72 17.76 7.62 -12.87
CA ARG B 72 17.24 6.26 -12.97
C ARG B 72 15.77 6.25 -12.51
N CYS B 73 14.90 5.64 -13.31
CA CYS B 73 13.50 5.52 -12.97
C CYS B 73 13.41 4.90 -11.57
N GLY B 74 12.48 5.43 -10.77
CA GLY B 74 12.37 5.09 -9.37
C GLY B 74 12.15 3.65 -9.02
N TYR B 75 11.45 2.93 -9.87
CA TYR B 75 11.19 1.51 -9.64
C TYR B 75 12.51 0.77 -9.88
N PRO B 76 13.03 0.05 -8.87
CA PRO B 76 14.36 -0.51 -9.02
C PRO B 76 14.47 -1.59 -10.10
N LEU B 77 13.39 -2.10 -10.64
CA LEU B 77 13.53 -3.12 -11.70
C LEU B 77 13.88 -2.45 -13.03
N CYS B 78 13.57 -1.17 -13.14
CA CYS B 78 13.54 -0.47 -14.43
C CYS B 78 14.89 0.05 -14.82
N SER B 79 15.33 -0.18 -16.04
CA SER B 79 16.66 0.32 -16.43
C SER B 79 16.59 1.61 -17.24
N LYS B 80 15.43 2.28 -17.27
CA LYS B 80 15.27 3.57 -17.99
C LYS B 80 15.35 4.76 -17.03
N SER B 81 15.36 5.97 -17.57
CA SER B 81 15.22 7.19 -16.76
C SER B 81 13.78 7.56 -16.38
N GLN B 82 13.63 8.51 -15.47
CA GLN B 82 12.35 9.22 -15.30
C GLN B 82 12.00 9.83 -16.64
N ALA B 83 10.71 10.01 -16.87
CA ALA B 83 10.30 10.70 -18.07
C ALA B 83 10.94 12.09 -18.10
N ARG B 84 10.85 12.84 -17.00
CA ARG B 84 11.48 14.18 -16.97
C ARG B 84 12.40 14.49 -15.80
N VAL B 85 13.66 14.77 -16.11
CA VAL B 85 14.67 15.12 -15.12
C VAL B 85 14.50 16.54 -14.51
N ARG B 86 14.03 16.62 -13.25
CA ARG B 86 13.92 17.90 -12.46
C ARG B 86 15.31 18.52 -12.10
N ASP B 87 15.33 19.80 -11.81
CA ASP B 87 16.54 20.39 -11.30
C ASP B 87 17.04 19.62 -10.09
N ASN B 101 -2.15 18.05 -6.13
CA ASN B 101 -1.40 19.15 -6.75
C ASN B 101 -1.29 18.98 -8.29
N ASN B 102 -0.46 18.06 -8.77
CA ASN B 102 -0.09 18.00 -10.18
C ASN B 102 -0.15 16.56 -10.70
N PRO B 103 -1.08 16.25 -11.64
CA PRO B 103 -1.33 14.85 -12.07
C PRO B 103 -0.15 14.20 -12.79
N TYR B 104 0.80 15.03 -13.23
CA TYR B 104 1.93 14.57 -14.05
C TYR B 104 3.22 14.67 -13.26
N ALA B 105 3.14 15.09 -11.99
CA ALA B 105 4.34 15.09 -11.13
C ALA B 105 5.13 13.76 -11.21
N TYR B 106 4.42 12.63 -11.23
CA TYR B 106 5.03 11.29 -11.20
C TYR B 106 6.10 11.10 -12.27
N LEU B 107 5.96 11.81 -13.39
CA LEU B 107 6.91 11.70 -14.51
C LEU B 107 8.35 12.12 -14.16
N THR B 108 8.50 12.86 -13.06
CA THR B 108 9.82 13.31 -12.59
C THR B 108 10.50 12.27 -11.72
N GLU B 109 9.84 11.13 -11.50
CA GLU B 109 10.40 9.97 -10.76
C GLU B 109 10.22 8.64 -11.51
N TYR B 110 9.33 8.60 -12.49
CA TYR B 110 9.08 7.36 -13.20
C TYR B 110 9.02 7.49 -14.71
N CYS B 111 9.35 6.42 -15.41
CA CYS B 111 9.42 6.46 -16.86
C CYS B 111 8.00 6.63 -17.40
N THR B 112 7.03 6.04 -16.68
CA THR B 112 5.63 5.78 -17.11
C THR B 112 4.69 5.75 -15.92
N LYS B 113 3.40 5.89 -16.20
CA LYS B 113 2.43 5.85 -15.16
C LYS B 113 2.38 4.44 -14.57
N ALA B 114 2.66 3.42 -15.39
CA ALA B 114 2.67 2.02 -14.89
C ALA B 114 3.71 1.78 -13.81
N HIS B 115 4.95 2.22 -14.05
CA HIS B 115 6.00 2.01 -13.04
C HIS B 115 5.72 2.76 -11.74
N PHE B 116 5.13 3.94 -11.88
CA PHE B 116 4.70 4.76 -10.76
C PHE B 116 3.72 3.98 -9.87
N ARG B 117 2.69 3.39 -10.47
CA ARG B 117 1.74 2.60 -9.69
C ARG B 117 2.38 1.32 -9.16
N CYS B 118 3.26 0.66 -9.95
CA CYS B 118 3.99 -0.54 -9.44
C CYS B 118 4.87 -0.18 -8.23
N SER B 119 5.64 0.90 -8.35
CA SER B 119 6.43 1.39 -7.24
C SER B 119 5.54 1.67 -6.04
N GLN B 120 4.47 2.43 -6.24
CA GLN B 120 3.57 2.67 -5.12
C GLN B 120 3.05 1.36 -4.51
N PHE B 121 2.64 0.43 -5.35
CA PHE B 121 2.08 -0.85 -4.91
C PHE B 121 3.09 -1.63 -4.04
N TYR B 122 4.36 -1.66 -4.47
CA TYR B 122 5.44 -2.34 -3.72
C TYR B 122 5.58 -1.70 -2.34
N GLN B 123 5.76 -0.38 -2.38
CA GLN B 123 5.89 0.42 -1.18
C GLN B 123 4.72 0.25 -0.19
N PHE B 124 3.47 0.24 -0.64
CA PHE B 124 2.35 -0.02 0.28
C PHE B 124 2.56 -1.26 1.17
N GLN B 125 3.30 -2.24 0.64
CA GLN B 125 3.46 -3.54 1.33
C GLN B 125 4.69 -3.64 2.21
N LEU B 126 5.56 -2.65 2.11
CA LEU B 126 6.72 -2.60 2.98
C LEU B 126 6.31 -2.32 4.43
N SER B 127 6.99 -2.96 5.36
CA SER B 127 6.74 -2.68 6.76
C SER B 127 7.31 -1.32 7.21
N ASP B 128 6.73 -0.69 8.23
CA ASP B 128 7.36 0.49 8.88
C ASP B 128 8.27 0.10 10.04
N GLU B 129 8.12 -1.12 10.53
CA GLU B 129 8.97 -1.63 11.60
C GLU B 129 10.43 -1.47 11.19
N ALA B 130 11.23 -0.86 12.06
CA ALA B 130 12.62 -0.57 11.73
C ALA B 130 13.45 -1.86 11.58
N LEU B 131 14.49 -1.75 10.77
CA LEU B 131 15.33 -2.87 10.43
C LEU B 131 15.88 -3.57 11.66
N PHE B 132 16.34 -2.77 12.61
CA PHE B 132 17.02 -3.24 13.82
C PHE B 132 16.13 -4.15 14.62
N ALA B 133 14.82 -3.99 14.45
CA ALA B 133 13.82 -4.80 15.18
C ALA B 133 13.43 -6.10 14.43
N ARG B 134 13.94 -6.26 13.21
CA ARG B 134 13.65 -7.46 12.41
C ARG B 134 14.67 -8.52 12.73
N VAL B 135 14.24 -9.52 13.49
CA VAL B 135 15.12 -10.47 14.14
C VAL B 135 15.71 -11.47 13.17
N GLY B 136 17.03 -11.43 13.03
CA GLY B 136 17.70 -12.39 12.17
C GLY B 136 17.45 -12.16 10.70
N VAL B 137 17.19 -10.90 10.32
CA VAL B 137 16.81 -10.53 8.95
C VAL B 137 17.99 -10.68 7.98
N HIS B 138 19.20 -10.60 8.52
CA HIS B 138 20.44 -10.74 7.79
C HIS B 138 20.81 -12.19 7.51
N LEU B 139 20.01 -13.15 8.00
CA LEU B 139 20.33 -14.57 7.89
C LEU B 139 19.47 -15.31 6.87
N ASP B 140 19.99 -16.46 6.45
CA ASP B 140 19.34 -17.37 5.52
C ASP B 140 17.99 -17.91 5.96
N ASP B 141 17.95 -18.39 7.21
CA ASP B 141 16.79 -19.04 7.84
C ASP B 141 15.61 -18.07 8.02
N TYR B 142 15.85 -16.79 7.74
CA TYR B 142 14.87 -15.78 7.99
C TYR B 142 13.61 -16.02 7.20
N GLU B 143 12.51 -16.03 7.93
CA GLU B 143 11.20 -16.20 7.33
C GLU B 143 10.50 -14.86 7.43
N PRO B 144 10.16 -14.27 6.28
CA PRO B 144 9.45 -12.99 6.25
C PRO B 144 8.01 -13.12 6.80
N PRO B 145 7.45 -12.04 7.35
CA PRO B 145 6.06 -12.09 7.86
C PRO B 145 4.97 -12.29 6.76
N SER B 146 5.17 -11.69 5.58
CA SER B 146 4.26 -11.90 4.45
C SER B 146 5.03 -12.08 3.13
N GLU B 147 4.37 -12.64 2.12
CA GLU B 147 4.94 -12.63 0.79
C GLU B 147 4.52 -11.38 0.06
N ILE B 148 5.44 -10.80 -0.69
CA ILE B 148 5.19 -9.55 -1.37
C ILE B 148 4.69 -9.81 -2.78
N GLN B 149 3.80 -8.94 -3.26
CA GLN B 149 3.27 -9.05 -4.64
C GLN B 149 3.64 -7.86 -5.47
N LEU B 150 3.95 -8.13 -6.74
CA LEU B 150 4.31 -7.06 -7.64
C LEU B 150 3.09 -6.78 -8.43
N LEU B 151 2.92 -5.52 -8.86
CA LEU B 151 1.73 -5.14 -9.58
C LEU B 151 1.63 -5.76 -11.00
N GLU B 152 2.76 -5.97 -11.66
CA GLU B 152 2.79 -6.37 -13.07
C GLU B 152 2.44 -7.84 -13.32
ZN ZN C . -15.77 -4.75 -11.25
ZN ZN D . 10.65 2.76 -15.23
#